data_1JAQ
#
_entry.id   1JAQ
#
_cell.length_a   33.130
_cell.length_b   69.370
_cell.length_c   72.310
_cell.angle_alpha   90.00
_cell.angle_beta   90.00
_cell.angle_gamma   90.00
#
_symmetry.space_group_name_H-M   'P 21 21 21'
#
loop_
_entity.id
_entity.type
_entity.pdbx_description
1 polymer 'MATRIX METALLO PROTEINASE-8 (MET80 FORM)'
2 non-polymer 'CALCIUM ION'
3 non-polymer N-[(2R)-2-(hydroxycarbamoyl)-4-methylpentanoyl]-L-alanylglycinamide
4 non-polymer 'ZINC ION'
5 water water
#
_entity_poly.entity_id   1
_entity_poly.type   'polypeptide(L)'
_entity_poly.pdbx_seq_one_letter_code
;MLTPGNPKWERTNLTYRIRNYTPQLSEAEVERAIKDAFELWSVASPLIFTRISQGEADINIAFYQRDHGDNSPFDGPNGI
LAHAFQPGQGIGGDAHFDAEETWTNTSANYNLFLVAAHEFGHSLGLAHSSDPGALMYPNYAFRETSNYSLPQDDIDGIQA
IYG
;
_entity_poly.pdbx_strand_id   A
#
loop_
_chem_comp.id
_chem_comp.type
_chem_comp.name
_chem_comp.formula
01S peptide-like N-[(2R)-2-(hydroxycarbamoyl)-4-methylpentanoyl]-L-alanylglycinamide 'C12 H22 N4 O5'
CA non-polymer 'CALCIUM ION' 'Ca 2'
ZN non-polymer 'ZINC ION' 'Zn 2'
#
# COMPACT_ATOMS: atom_id res chain seq x y z
N ASN A 6 0.28 12.76 -14.90
CA ASN A 6 1.21 12.15 -13.89
C ASN A 6 0.96 12.79 -12.48
N PRO A 7 0.06 12.20 -11.67
CA PRO A 7 -0.11 12.83 -10.36
C PRO A 7 1.06 12.37 -9.53
N LYS A 8 1.63 13.33 -8.82
CA LYS A 8 2.75 13.12 -7.93
C LYS A 8 2.64 14.11 -6.78
N TRP A 9 3.18 13.69 -5.65
CA TRP A 9 3.24 14.47 -4.45
C TRP A 9 4.37 15.51 -4.64
N GLU A 10 4.10 16.79 -4.36
CA GLU A 10 5.10 17.83 -4.51
C GLU A 10 5.68 18.10 -3.14
N ARG A 11 5.77 17.08 -2.30
CA ARG A 11 6.31 17.19 -0.97
C ARG A 11 7.00 15.87 -0.77
N THR A 12 8.09 15.81 0.00
CA THR A 12 8.82 14.56 0.14
C THR A 12 8.63 13.81 1.43
N ASN A 13 8.38 14.51 2.53
CA ASN A 13 8.17 13.75 3.77
C ASN A 13 6.66 13.70 3.81
N LEU A 14 6.12 12.48 3.88
CA LEU A 14 4.71 12.29 3.89
C LEU A 14 4.37 11.55 5.15
N THR A 15 3.22 11.92 5.70
CA THR A 15 2.73 11.28 6.92
C THR A 15 1.65 10.28 6.51
N TYR A 16 1.38 9.31 7.36
CA TYR A 16 0.35 8.35 7.06
C TYR A 16 -0.27 8.02 8.40
N ARG A 17 -1.53 7.63 8.38
CA ARG A 17 -2.25 7.25 9.61
C ARG A 17 -3.01 5.94 9.39
N ILE A 18 -2.84 4.96 10.28
CA ILE A 18 -3.52 3.70 10.25
C ILE A 18 -4.76 3.90 11.10
N ARG A 19 -5.88 4.20 10.44
CA ARG A 19 -7.15 4.43 11.09
C ARG A 19 -7.75 3.29 11.93
N ASN A 20 -7.53 2.02 11.58
CA ASN A 20 -8.07 0.86 12.33
C ASN A 20 -7.25 -0.31 11.97
N TYR A 21 -7.65 -1.46 12.48
CA TYR A 21 -6.87 -2.68 12.32
C TYR A 21 -7.69 -3.91 11.93
N THR A 22 -7.01 -4.99 11.52
CA THR A 22 -7.60 -6.28 11.16
C THR A 22 -7.24 -7.16 12.39
N PRO A 23 -8.18 -8.01 12.87
CA PRO A 23 -8.07 -8.93 14.00
C PRO A 23 -7.25 -10.18 13.67
N GLN A 24 -6.99 -10.36 12.39
CA GLN A 24 -6.17 -11.43 11.79
C GLN A 24 -4.70 -11.43 12.40
N LEU A 25 -4.11 -10.24 12.37
CA LEU A 25 -2.75 -9.94 12.82
C LEU A 25 -2.84 -9.11 14.12
N SER A 26 -1.71 -8.98 14.81
CA SER A 26 -1.68 -8.13 16.01
C SER A 26 -1.53 -6.68 15.51
N GLU A 27 -1.58 -5.70 16.37
CA GLU A 27 -1.44 -4.34 15.87
C GLU A 27 0.02 -4.11 15.53
N ALA A 28 0.89 -4.75 16.27
CA ALA A 28 2.31 -4.60 16.07
C ALA A 28 2.72 -5.16 14.71
N GLU A 29 2.17 -6.33 14.34
CA GLU A 29 2.42 -6.98 13.04
C GLU A 29 1.82 -6.19 11.89
N VAL A 30 0.67 -5.57 12.15
CA VAL A 30 -0.01 -4.75 11.16
C VAL A 30 0.86 -3.53 10.89
N GLU A 31 1.33 -2.91 11.97
CA GLU A 31 2.17 -1.71 11.88
C GLU A 31 3.54 -1.98 11.26
N ARG A 32 4.07 -3.17 11.51
CA ARG A 32 5.35 -3.58 10.94
C ARG A 32 5.18 -3.82 9.43
N ALA A 33 4.09 -4.49 9.02
CA ALA A 33 3.81 -4.73 7.60
C ALA A 33 3.70 -3.41 6.87
N ILE A 34 2.97 -2.49 7.46
CA ILE A 34 2.82 -1.21 6.81
C ILE A 34 4.11 -0.41 6.73
N LYS A 35 4.87 -0.40 7.82
CA LYS A 35 6.13 0.35 7.88
C LYS A 35 7.14 -0.14 6.84
N ASP A 36 7.33 -1.46 6.78
CA ASP A 36 8.27 -2.07 5.83
C ASP A 36 7.93 -1.85 4.36
N ALA A 37 6.64 -1.67 4.07
CA ALA A 37 6.12 -1.46 2.74
C ALA A 37 6.48 -0.08 2.24
N PHE A 38 6.35 0.91 3.11
CA PHE A 38 6.75 2.27 2.83
C PHE A 38 8.30 2.38 2.71
N GLU A 39 9.04 1.62 3.53
CA GLU A 39 10.50 1.67 3.48
C GLU A 39 11.01 1.27 2.10
N LEU A 40 10.39 0.27 1.47
CA LEU A 40 10.76 -0.16 0.09
C LEU A 40 10.82 0.96 -0.92
N TRP A 41 9.81 1.81 -0.93
CA TRP A 41 9.73 2.91 -1.89
C TRP A 41 10.71 4.05 -1.53
N SER A 42 10.92 4.18 -0.22
CA SER A 42 11.78 5.17 0.39
C SER A 42 13.24 4.96 -0.01
N VAL A 43 13.71 3.73 0.07
CA VAL A 43 15.09 3.41 -0.30
C VAL A 43 15.44 3.55 -1.75
N ALA A 44 14.44 3.91 -2.57
CA ALA A 44 14.60 4.03 -4.03
C ALA A 44 14.08 5.33 -4.51
N SER A 45 13.68 6.20 -3.59
CA SER A 45 13.16 7.51 -3.92
C SER A 45 13.52 8.48 -2.83
N PRO A 46 13.19 9.76 -3.03
CA PRO A 46 13.47 10.81 -2.05
C PRO A 46 12.33 11.00 -0.97
N LEU A 47 11.35 10.13 -0.98
CA LEU A 47 10.22 10.26 -0.08
C LEU A 47 10.60 9.68 1.24
N ILE A 48 10.20 10.41 2.31
CA ILE A 48 10.43 10.01 3.72
C ILE A 48 9.02 9.96 4.27
N PHE A 49 8.70 8.90 4.99
CA PHE A 49 7.34 8.64 5.52
C PHE A 49 7.30 8.64 7.04
N THR A 50 6.38 9.41 7.59
CA THR A 50 6.24 9.56 9.03
C THR A 50 4.85 9.16 9.53
N ARG A 51 4.79 8.21 10.45
CA ARG A 51 3.54 7.77 11.07
C ARG A 51 2.98 8.74 12.14
N ILE A 52 1.66 9.00 12.10
CA ILE A 52 1.08 9.84 13.15
C ILE A 52 -0.04 9.01 13.75
N SER A 53 -0.26 9.09 15.06
CA SER A 53 -1.35 8.32 15.66
C SER A 53 -2.78 8.76 15.40
N GLN A 54 -2.98 10.04 15.16
CA GLN A 54 -4.30 10.58 14.96
C GLN A 54 -4.02 11.83 14.19
N GLY A 55 -5.06 12.51 13.76
CA GLY A 55 -4.85 13.73 13.02
C GLY A 55 -4.85 13.49 11.55
N GLU A 56 -4.86 14.56 10.77
CA GLU A 56 -4.85 14.41 9.33
C GLU A 56 -3.48 13.96 8.98
N ALA A 57 -3.43 13.04 8.04
CA ALA A 57 -2.20 12.48 7.53
C ALA A 57 -2.47 12.48 6.06
N ASP A 58 -1.41 12.56 5.27
CA ASP A 58 -1.52 12.54 3.84
C ASP A 58 -2.17 11.24 3.33
N ILE A 59 -1.71 10.12 3.91
CA ILE A 59 -2.15 8.81 3.50
C ILE A 59 -2.82 8.14 4.66
N ASN A 60 -4.13 8.02 4.52
CA ASN A 60 -4.93 7.34 5.51
C ASN A 60 -4.97 5.90 5.10
N ILE A 61 -5.00 5.00 6.05
CA ILE A 61 -5.01 3.60 5.76
C ILE A 61 -6.10 2.92 6.59
N ALA A 62 -7.11 2.36 5.92
CA ALA A 62 -8.18 1.72 6.64
C ALA A 62 -8.55 0.37 6.06
N PHE A 63 -8.94 -0.54 6.94
CA PHE A 63 -9.46 -1.86 6.59
C PHE A 63 -10.97 -1.75 6.54
N TYR A 64 -11.55 -1.59 5.35
CA TYR A 64 -13.01 -1.51 5.28
C TYR A 64 -13.72 -2.71 4.66
N GLN A 65 -15.04 -2.66 4.68
CA GLN A 65 -15.95 -3.72 4.18
C GLN A 65 -17.02 -3.26 3.20
N ARG A 66 -17.17 -3.99 2.09
CA ARG A 66 -18.16 -3.72 1.04
C ARG A 66 -18.29 -2.25 0.74
N ASP A 67 -19.45 -1.68 1.04
CA ASP A 67 -19.65 -0.26 0.85
C ASP A 67 -18.95 0.46 2.01
N HIS A 68 -18.03 1.38 1.68
CA HIS A 68 -17.32 2.13 2.69
C HIS A 68 -17.14 3.56 2.31
N GLY A 69 -18.23 4.14 1.83
CA GLY A 69 -18.25 5.52 1.48
C GLY A 69 -17.55 6.04 0.29
N ASP A 70 -16.97 5.20 -0.55
CA ASP A 70 -16.27 5.79 -1.68
C ASP A 70 -16.63 5.46 -3.11
N ASN A 71 -17.71 4.77 -3.37
CA ASN A 71 -18.04 4.47 -4.80
C ASN A 71 -17.13 3.40 -5.42
N SER A 72 -16.46 2.64 -4.57
CA SER A 72 -15.56 1.59 -4.98
C SER A 72 -15.76 0.52 -3.91
N PRO A 73 -16.97 -0.02 -3.85
CA PRO A 73 -17.19 -1.06 -2.85
C PRO A 73 -16.28 -2.28 -3.01
N PHE A 74 -15.90 -2.84 -1.87
CA PHE A 74 -15.13 -4.06 -1.84
C PHE A 74 -16.13 -5.24 -2.14
N ASP A 75 -15.61 -6.47 -2.19
CA ASP A 75 -16.37 -7.65 -2.61
C ASP A 75 -16.37 -9.01 -1.84
N GLY A 76 -16.07 -9.01 -0.54
CA GLY A 76 -16.08 -10.25 0.23
C GLY A 76 -14.79 -10.97 0.00
N PRO A 77 -14.57 -12.15 0.61
CA PRO A 77 -13.29 -12.84 0.40
C PRO A 77 -12.86 -12.93 -1.07
N ASN A 78 -11.52 -13.01 -1.24
CA ASN A 78 -10.76 -13.04 -2.50
C ASN A 78 -11.21 -11.94 -3.42
N GLY A 79 -11.05 -12.07 -4.73
CA GLY A 79 -11.48 -10.99 -5.59
C GLY A 79 -10.55 -9.79 -5.40
N ILE A 80 -11.11 -8.59 -5.22
CA ILE A 80 -10.25 -7.45 -4.98
C ILE A 80 -9.87 -7.43 -3.52
N LEU A 81 -8.57 -7.27 -3.33
CA LEU A 81 -7.90 -7.24 -2.03
C LEU A 81 -7.79 -5.83 -1.46
N ALA A 82 -7.64 -4.80 -2.32
CA ALA A 82 -7.51 -3.44 -1.83
C ALA A 82 -7.43 -2.51 -2.98
N HIS A 83 -7.40 -1.22 -2.69
CA HIS A 83 -7.26 -0.17 -3.67
C HIS A 83 -6.72 1.08 -2.99
N ALA A 84 -6.05 1.93 -3.76
CA ALA A 84 -5.48 3.15 -3.21
C ALA A 84 -5.80 4.25 -4.20
N PHE A 85 -5.73 5.51 -3.80
CA PHE A 85 -6.01 6.61 -4.70
C PHE A 85 -4.68 7.35 -4.99
N GLN A 86 -4.62 7.94 -6.18
CA GLN A 86 -3.43 8.63 -6.63
C GLN A 86 -3.17 9.88 -5.80
N PRO A 87 -1.93 10.44 -5.90
CA PRO A 87 -1.53 11.65 -5.19
C PRO A 87 -2.59 12.75 -5.25
N GLY A 88 -2.88 13.34 -4.10
CA GLY A 88 -3.85 14.40 -4.06
C GLY A 88 -4.28 14.65 -2.65
N GLN A 89 -5.12 15.66 -2.53
CA GLN A 89 -5.72 16.10 -1.28
C GLN A 89 -6.94 15.23 -0.93
N GLY A 90 -7.25 15.16 0.34
CA GLY A 90 -8.40 14.39 0.73
C GLY A 90 -8.14 12.92 0.60
N ILE A 91 -8.95 12.28 -0.23
CA ILE A 91 -8.87 10.82 -0.44
C ILE A 91 -7.61 10.54 -1.28
N GLY A 92 -7.07 11.57 -1.94
CA GLY A 92 -5.87 11.39 -2.74
C GLY A 92 -4.85 10.70 -1.85
N GLY A 93 -4.20 9.69 -2.39
CA GLY A 93 -3.17 8.96 -1.67
C GLY A 93 -3.66 7.89 -0.73
N ASP A 94 -4.93 7.95 -0.33
CA ASP A 94 -5.47 6.99 0.66
C ASP A 94 -5.46 5.55 0.23
N ALA A 95 -5.41 4.63 1.18
CA ALA A 95 -5.38 3.21 0.86
C ALA A 95 -6.34 2.34 1.69
N HIS A 96 -7.31 1.70 1.02
CA HIS A 96 -8.28 0.79 1.68
C HIS A 96 -8.03 -0.72 1.42
N PHE A 97 -8.14 -1.54 2.46
CA PHE A 97 -7.90 -2.96 2.41
C PHE A 97 -9.19 -3.63 2.73
N ASP A 98 -9.48 -4.73 2.04
CA ASP A 98 -10.74 -5.43 2.29
C ASP A 98 -10.66 -6.12 3.67
N ALA A 99 -11.45 -5.66 4.64
CA ALA A 99 -11.45 -6.30 5.96
C ALA A 99 -11.99 -7.78 5.89
N GLU A 100 -12.50 -8.20 4.75
CA GLU A 100 -13.01 -9.56 4.64
C GLU A 100 -12.03 -10.62 4.16
N GLU A 101 -10.79 -10.21 3.93
CA GLU A 101 -9.76 -11.13 3.50
C GLU A 101 -9.01 -11.62 4.68
N THR A 102 -8.29 -12.71 4.51
CA THR A 102 -7.44 -13.20 5.57
C THR A 102 -6.13 -12.50 5.33
N TRP A 103 -5.75 -11.62 6.23
CA TRP A 103 -4.48 -10.96 6.06
C TRP A 103 -3.44 -11.76 6.80
N THR A 104 -2.28 -12.00 6.18
CA THR A 104 -1.25 -12.75 6.89
C THR A 104 0.11 -12.08 6.95
N ASN A 105 0.98 -12.78 7.62
CA ASN A 105 2.37 -12.45 7.90
C ASN A 105 3.21 -13.50 7.19
N THR A 106 2.53 -14.56 6.72
CA THR A 106 3.16 -15.73 6.11
C THR A 106 3.02 -15.87 4.59
N SER A 107 3.27 -17.08 4.09
CA SER A 107 3.11 -17.34 2.66
C SER A 107 1.62 -17.61 2.37
N ALA A 108 0.82 -17.84 3.42
CA ALA A 108 -0.60 -18.13 3.21
C ALA A 108 -1.17 -16.90 2.62
N ASN A 109 -2.30 -17.04 1.92
CA ASN A 109 -2.98 -15.88 1.29
C ASN A 109 -3.72 -15.10 2.40
N TYR A 110 -3.58 -13.78 2.47
CA TYR A 110 -2.76 -12.92 1.61
C TYR A 110 -1.75 -12.29 2.58
N ASN A 111 -0.57 -11.90 2.09
CA ASN A 111 0.46 -11.34 2.89
C ASN A 111 0.20 -9.83 2.79
N LEU A 112 -0.15 -9.21 3.93
CA LEU A 112 -0.47 -7.76 4.06
C LEU A 112 0.70 -6.87 3.60
N PHE A 113 1.93 -7.29 3.92
CA PHE A 113 3.10 -6.52 3.52
C PHE A 113 3.16 -6.37 1.99
N LEU A 114 3.07 -7.49 1.25
CA LEU A 114 3.08 -7.42 -0.25
C LEU A 114 1.87 -6.71 -0.81
N VAL A 115 0.69 -6.90 -0.26
CA VAL A 115 -0.44 -6.16 -0.78
C VAL A 115 -0.26 -4.65 -0.42
N ALA A 116 0.24 -4.36 0.79
CA ALA A 116 0.49 -2.96 1.19
C ALA A 116 1.51 -2.30 0.27
N ALA A 117 2.58 -3.01 -0.04
CA ALA A 117 3.64 -2.47 -0.89
C ALA A 117 3.10 -2.11 -2.22
N HIS A 118 2.13 -2.91 -2.67
CA HIS A 118 1.46 -2.72 -3.98
C HIS A 118 0.57 -1.48 -3.96
N GLU A 119 -0.23 -1.35 -2.91
CA GLU A 119 -1.09 -0.20 -2.78
C GLU A 119 -0.36 1.14 -2.73
N PHE A 120 0.78 1.16 -2.02
CA PHE A 120 1.59 2.37 -1.85
C PHE A 120 2.21 2.85 -3.11
N GLY A 121 2.51 1.92 -4.03
CA GLY A 121 3.03 2.35 -5.32
C GLY A 121 1.98 3.24 -5.98
N HIS A 122 0.70 2.83 -5.86
CA HIS A 122 -0.46 3.60 -6.36
C HIS A 122 -0.60 5.00 -5.67
N SER A 123 -0.50 5.02 -4.35
CA SER A 123 -0.54 6.27 -3.55
C SER A 123 0.59 7.22 -4.02
N LEU A 124 1.73 6.69 -4.45
CA LEU A 124 2.80 7.56 -4.94
C LEU A 124 2.65 7.92 -6.41
N GLY A 125 1.56 7.47 -7.06
CA GLY A 125 1.36 7.79 -8.47
C GLY A 125 1.79 6.75 -9.54
N LEU A 126 2.09 5.51 -9.15
CA LEU A 126 2.46 4.43 -10.08
C LEU A 126 1.17 3.66 -10.51
N ALA A 127 1.15 3.21 -11.77
CA ALA A 127 0.03 2.43 -12.23
C ALA A 127 0.48 0.91 -12.31
N HIS A 128 -0.35 0.07 -12.91
CA HIS A 128 0.05 -1.32 -12.98
C HIS A 128 1.02 -1.52 -14.11
N SER A 129 1.94 -2.46 -13.91
CA SER A 129 2.87 -2.81 -14.99
C SER A 129 2.46 -4.17 -15.58
N SER A 130 2.87 -4.32 -16.83
CA SER A 130 2.66 -5.52 -17.60
C SER A 130 3.74 -6.52 -17.22
N ASP A 131 4.80 -6.08 -16.56
CA ASP A 131 5.86 -6.98 -16.19
C ASP A 131 5.38 -7.82 -15.05
N PRO A 132 5.25 -9.12 -15.27
CA PRO A 132 4.80 -10.11 -14.28
C PRO A 132 5.66 -10.19 -13.04
N GLY A 133 6.92 -9.77 -13.18
CA GLY A 133 7.88 -9.81 -12.05
C GLY A 133 7.86 -8.54 -11.19
N ALA A 134 7.23 -7.49 -11.70
CA ALA A 134 7.10 -6.24 -11.02
C ALA A 134 6.04 -6.34 -9.89
N LEU A 135 6.22 -5.56 -8.81
CA LEU A 135 5.25 -5.50 -7.70
C LEU A 135 3.95 -4.82 -8.20
N MET A 136 4.05 -3.90 -9.18
CA MET A 136 2.87 -3.19 -9.70
C MET A 136 2.01 -4.02 -10.69
N TYR A 137 2.36 -5.30 -10.79
CA TYR A 137 1.64 -6.29 -11.60
C TYR A 137 0.24 -6.39 -10.99
N PRO A 138 -0.80 -6.37 -11.84
CA PRO A 138 -2.20 -6.43 -11.50
C PRO A 138 -2.67 -7.51 -10.54
N ASN A 139 -2.04 -8.70 -10.56
CA ASN A 139 -2.46 -9.85 -9.70
C ASN A 139 -1.39 -10.24 -8.69
N TYR A 140 -1.82 -10.60 -7.48
CA TYR A 140 -0.94 -10.96 -6.39
C TYR A 140 -0.27 -12.29 -6.63
N ALA A 141 0.94 -12.42 -6.08
CA ALA A 141 1.75 -13.63 -6.15
C ALA A 141 2.68 -13.46 -4.94
N PHE A 142 2.81 -14.51 -4.14
CA PHE A 142 3.67 -14.42 -3.00
C PHE A 142 5.13 -14.49 -3.41
N ARG A 143 5.95 -13.65 -2.78
CA ARG A 143 7.40 -13.63 -3.02
C ARG A 143 8.00 -13.58 -1.63
N GLU A 144 9.18 -14.18 -1.41
CA GLU A 144 9.76 -14.14 -0.05
C GLU A 144 9.82 -12.68 0.46
N THR A 145 9.37 -12.48 1.69
CA THR A 145 9.33 -11.14 2.24
C THR A 145 10.50 -10.77 3.15
N SER A 146 11.31 -11.75 3.57
CA SER A 146 12.46 -11.44 4.45
C SER A 146 13.51 -10.70 3.62
N ASN A 147 13.97 -9.56 4.10
CA ASN A 147 14.91 -8.75 3.34
C ASN A 147 14.38 -8.66 1.92
N TYR A 148 13.11 -8.32 1.78
CA TYR A 148 12.50 -8.19 0.46
C TYR A 148 12.91 -6.85 -0.16
N SER A 149 13.16 -6.82 -1.49
CA SER A 149 13.55 -5.59 -2.17
C SER A 149 12.78 -5.25 -3.41
N LEU A 150 12.73 -3.98 -3.76
CA LEU A 150 11.98 -3.52 -4.90
C LEU A 150 12.44 -4.07 -6.25
N PRO A 151 11.51 -4.69 -7.02
CA PRO A 151 11.93 -5.23 -8.32
C PRO A 151 12.36 -4.03 -9.20
N GLN A 152 13.33 -4.26 -10.11
CA GLN A 152 13.85 -3.21 -11.02
C GLN A 152 12.84 -2.49 -11.85
N ASP A 153 11.74 -3.17 -12.12
CA ASP A 153 10.71 -2.53 -12.90
C ASP A 153 10.11 -1.45 -12.05
N ASP A 154 9.81 -1.76 -10.78
CA ASP A 154 9.20 -0.77 -9.86
C ASP A 154 10.16 0.35 -9.54
N ILE A 155 11.44 0.00 -9.42
CA ILE A 155 12.45 1.01 -9.21
C ILE A 155 12.44 2.01 -10.39
N ASP A 156 12.40 1.50 -11.60
CA ASP A 156 12.31 2.38 -12.75
C ASP A 156 11.07 3.27 -12.74
N GLY A 157 9.97 2.76 -12.21
CA GLY A 157 8.75 3.52 -12.17
C GLY A 157 8.68 4.72 -11.24
N ILE A 158 9.09 4.58 -9.96
CA ILE A 158 9.07 5.73 -9.01
C ILE A 158 10.21 6.71 -9.33
N GLN A 159 11.30 6.17 -9.83
CA GLN A 159 12.40 7.01 -10.19
C GLN A 159 12.05 7.83 -11.36
N ALA A 160 11.15 7.39 -12.22
CA ALA A 160 10.78 8.25 -13.33
C ALA A 160 9.79 9.31 -12.90
N ILE A 161 9.14 9.09 -11.76
CA ILE A 161 8.19 10.08 -11.28
C ILE A 161 8.91 11.20 -10.47
N TYR A 162 9.77 10.76 -9.55
CA TYR A 162 10.54 11.59 -8.63
C TYR A 162 12.04 11.55 -9.01
N GLY A 163 12.84 11.14 -8.02
CA GLY A 163 14.28 10.99 -8.16
C GLY A 163 14.63 9.88 -7.16
CA CA B . -5.08 11.66 1.56
N 01S C . -5.73 -2.47 -6.39
OH 01S C . -4.54 -1.76 -6.53
C1 01S C . -5.98 -3.47 -7.22
O1 01S C . -5.19 -3.76 -8.09
CA 01S C . -7.29 -4.25 -7.03
CB 01S C . -8.03 -4.30 -8.36
CG 01S C . -9.10 -3.24 -8.55
CD1 01S C . -10.40 -3.62 -7.82
CD2 01S C . -8.59 -1.83 -8.10
C 01S C . -6.99 -5.67 -6.57
O 01S C . -7.47 -6.11 -5.52
N1 01S C . -6.25 -6.41 -7.38
CA1 01S C . -5.96 -7.76 -7.02
C2 01S C . -4.70 -7.85 -6.14
O2 01S C . -4.28 -8.95 -5.76
CB1 01S C . -5.86 -8.62 -8.25
N2 01S C . -4.05 -6.69 -5.96
CA2 01S C . -2.92 -6.53 -5.07
C3 01S C . -1.60 -7.12 -5.39
O3 01S C . -0.87 -7.41 -4.44
N3 01S C . -1.13 -6.88 -6.60
HN 01S C . -6.40 -2.26 -5.71
HOH 01S C . -4.16 -1.44 -5.72
H 01S C . -5.89 -5.98 -8.20
H1 01S C . -4.33 -5.92 -6.50
HN1 01S C . -0.21 -7.21 -6.93
HN2 01S C . -1.68 -6.32 -7.23
CA CA D . -12.26 -9.11 -1.65
ZN ZN E . -12.27 2.46 -0.65
ZN ZN F . -3.17 -2.38 -7.99
#